data_9G1M
#
_entry.id   9G1M
#
_cell.length_a   68.150
_cell.length_b   89.792
_cell.length_c   44.998
_cell.angle_alpha   90.000
_cell.angle_beta   90.000
_cell.angle_gamma   90.000
#
_symmetry.space_group_name_H-M   'P 21 21 2'
#
loop_
_entity.id
_entity.type
_entity.pdbx_description
1 polymer 'Fosfomycin resistance protein'
2 non-polymer 1,2-ETHANEDIOL
3 non-polymer 'MANGANESE (II) ION'
4 non-polymer 1,2,3,4-tetrahydroisoquinoline
5 water water
#
_entity_poly.entity_id   1
_entity_poly.type   'polypeptide(L)'
_entity_poly.pdbx_seq_one_letter_code
;MLSGLNHLTLAVSQLAPSVAFYQQLLGMTLHARWDSGAYLSCGDLWLCLSLDPQRRVTPPEESDYTHYAFSISEADFASF
AARLEAAGVAVWKLNRSEGASHYFLDPDGHKLELHVGSLAQRLAACREQPYKGMVFFEQHHHHHH
;
_entity_poly.pdbx_strand_id   A,B
#
# COMPACT_ATOMS: atom_id res chain seq x y z
N MET A 1 4.27 -5.75 -18.38
CA MET A 1 3.56 -6.58 -17.36
C MET A 1 3.96 -6.21 -15.92
N LEU A 2 2.94 -6.01 -15.06
CA LEU A 2 3.22 -5.66 -13.68
C LEU A 2 3.51 -6.91 -12.86
N SER A 3 4.44 -6.81 -11.91
CA SER A 3 4.89 -8.01 -11.23
C SER A 3 4.79 -8.03 -9.71
N GLY A 4 4.25 -7.01 -9.10
N GLY A 4 4.14 -7.05 -9.10
CA GLY A 4 4.20 -6.93 -7.65
CA GLY A 4 4.13 -6.94 -7.66
C GLY A 4 4.21 -5.48 -7.23
C GLY A 4 4.24 -5.49 -7.23
N LEU A 5 4.22 -5.27 -5.91
CA LEU A 5 4.37 -3.94 -5.36
C LEU A 5 5.86 -3.63 -5.30
N ASN A 6 6.26 -2.57 -5.97
CA ASN A 6 7.64 -2.11 -5.94
C ASN A 6 7.95 -1.42 -4.62
N HIS A 7 7.07 -0.52 -4.18
CA HIS A 7 7.20 0.12 -2.88
C HIS A 7 5.88 0.73 -2.46
N LEU A 8 5.75 0.92 -1.15
CA LEU A 8 4.67 1.64 -0.50
C LEU A 8 5.27 2.94 0.03
N THR A 9 4.70 4.07 -0.36
CA THR A 9 5.10 5.36 0.18
C THR A 9 3.96 5.94 0.99
N LEU A 10 4.25 6.25 2.26
CA LEU A 10 3.32 6.90 3.17
C LEU A 10 3.77 8.33 3.39
N ALA A 11 2.86 9.27 3.15
CA ALA A 11 3.09 10.65 3.56
C ALA A 11 2.96 10.76 5.07
N VAL A 12 3.89 11.48 5.68
CA VAL A 12 3.90 11.64 7.13
C VAL A 12 4.02 13.11 7.47
N SER A 13 3.43 13.50 8.59
CA SER A 13 3.46 14.89 9.02
C SER A 13 4.68 15.23 9.87
N GLN A 14 5.23 14.25 10.60
CA GLN A 14 6.39 14.45 11.48
C GLN A 14 7.29 13.23 11.29
N LEU A 15 8.45 13.45 10.70
CA LEU A 15 9.26 12.32 10.26
C LEU A 15 9.75 11.48 11.43
N ALA A 16 10.28 12.12 12.47
CA ALA A 16 10.91 11.33 13.52
C ALA A 16 9.94 10.41 14.26
N PRO A 17 8.75 10.86 14.67
CA PRO A 17 7.81 9.92 15.30
C PRO A 17 7.38 8.81 14.36
N SER A 18 7.27 9.09 13.07
N SER A 18 7.26 9.10 13.07
CA SER A 18 6.89 8.04 12.14
CA SER A 18 6.91 8.05 12.12
C SER A 18 8.01 7.01 11.97
C SER A 18 8.01 7.01 12.01
N VAL A 19 9.26 7.46 11.83
CA VAL A 19 10.38 6.52 11.81
C VAL A 19 10.37 5.66 13.07
N ALA A 20 10.17 6.30 14.23
CA ALA A 20 10.18 5.55 15.47
C ALA A 20 9.07 4.50 15.49
N PHE A 21 7.90 4.86 14.98
CA PHE A 21 6.80 3.92 14.97
C PHE A 21 7.11 2.69 14.14
N TYR A 22 7.58 2.90 12.90
CA TYR A 22 7.81 1.78 12.00
C TYR A 22 9.05 0.97 12.39
N GLN A 23 10.11 1.65 12.82
CA GLN A 23 11.34 0.95 13.19
C GLN A 23 11.29 0.40 14.62
N GLN A 24 11.06 1.27 15.61
CA GLN A 24 11.13 0.83 17.00
C GLN A 24 9.92 0.01 17.37
N LEU A 25 8.71 0.50 17.08
CA LEU A 25 7.53 -0.20 17.58
C LEU A 25 7.18 -1.39 16.72
N LEU A 26 7.19 -1.24 15.40
CA LEU A 26 6.82 -2.35 14.53
C LEU A 26 7.99 -3.23 14.14
N GLY A 27 9.24 -2.84 14.40
CA GLY A 27 10.36 -3.71 14.16
C GLY A 27 10.86 -3.74 12.74
N MET A 28 10.46 -2.79 11.90
CA MET A 28 10.98 -2.79 10.56
C MET A 28 12.43 -2.33 10.53
N THR A 29 13.12 -2.64 9.43
CA THR A 29 14.54 -2.32 9.28
C THR A 29 14.68 -0.93 8.66
N LEU A 30 15.39 -0.04 9.34
CA LEU A 30 15.69 1.29 8.83
C LEU A 30 17.00 1.26 8.04
N HIS A 31 16.93 1.62 6.76
CA HIS A 31 18.13 1.64 5.92
C HIS A 31 18.75 3.01 5.76
N ALA A 32 17.93 4.05 5.73
CA ALA A 32 18.44 5.39 5.54
C ALA A 32 17.38 6.37 5.97
N ARG A 33 17.82 7.54 6.39
CA ARG A 33 16.92 8.64 6.71
C ARG A 33 17.58 9.94 6.26
N TRP A 34 16.77 10.91 5.89
CA TRP A 34 17.26 12.22 5.49
C TRP A 34 16.26 13.25 5.97
N ASP A 35 16.49 14.52 5.61
CA ASP A 35 15.69 15.56 6.25
C ASP A 35 14.22 15.44 5.90
N SER A 36 13.92 14.82 4.76
N SER A 36 13.89 14.84 4.76
CA SER A 36 12.55 14.77 4.24
CA SER A 36 12.49 14.77 4.36
C SER A 36 11.98 13.36 4.09
C SER A 36 12.02 13.36 4.03
N GLY A 37 12.66 12.33 4.57
CA GLY A 37 12.12 10.99 4.38
C GLY A 37 12.97 9.91 5.00
N ALA A 38 12.51 8.68 4.81
CA ALA A 38 13.23 7.51 5.28
C ALA A 38 12.87 6.32 4.42
N TYR A 39 13.83 5.40 4.30
CA TYR A 39 13.62 4.12 3.64
C TYR A 39 13.74 2.99 4.66
N LEU A 40 12.72 2.14 4.71
CA LEU A 40 12.68 0.97 5.57
C LEU A 40 12.34 -0.25 4.74
N SER A 41 12.63 -1.43 5.28
CA SER A 41 12.13 -2.66 4.70
C SER A 41 11.43 -3.50 5.76
N CYS A 42 10.50 -4.32 5.30
CA CYS A 42 9.77 -5.27 6.12
C CYS A 42 9.71 -6.53 5.26
N GLY A 43 10.60 -7.48 5.52
CA GLY A 43 10.78 -8.57 4.58
C GLY A 43 11.14 -8.00 3.22
N ASP A 44 10.38 -8.41 2.21
N ASP A 44 10.37 -8.44 2.19
CA ASP A 44 10.59 -7.94 0.85
CA ASP A 44 10.52 -7.95 0.83
C ASP A 44 9.89 -6.62 0.55
C ASP A 44 10.06 -6.50 0.65
N LEU A 45 9.18 -6.02 1.52
CA LEU A 45 8.52 -4.74 1.29
C LEU A 45 9.50 -3.58 1.46
N TRP A 46 9.54 -2.71 0.45
CA TRP A 46 10.21 -1.42 0.51
C TRP A 46 9.17 -0.39 0.93
N LEU A 47 9.38 0.17 2.11
CA LEU A 47 8.52 1.22 2.66
C LEU A 47 9.28 2.55 2.63
N CYS A 48 8.63 3.57 2.10
N CYS A 48 8.67 3.56 2.05
CA CYS A 48 9.17 4.92 2.08
CA CYS A 48 9.20 4.91 2.12
C CYS A 48 8.27 5.82 2.91
C CYS A 48 8.27 5.74 2.99
N LEU A 49 8.86 6.51 3.89
CA LEU A 49 8.18 7.56 4.63
C LEU A 49 8.60 8.87 4.01
N SER A 50 7.63 9.68 3.61
CA SER A 50 7.91 10.94 2.94
C SER A 50 7.29 12.10 3.72
N LEU A 51 8.13 13.00 4.21
CA LEU A 51 7.64 14.15 4.96
C LEU A 51 6.81 15.01 4.01
N ASP A 52 5.55 15.23 4.33
CA ASP A 52 4.65 15.95 3.43
C ASP A 52 3.89 16.97 4.26
N PRO A 53 4.09 18.27 4.03
CA PRO A 53 3.30 19.27 4.75
C PRO A 53 1.80 19.15 4.52
N GLN A 54 1.37 18.47 3.45
N GLN A 54 1.37 18.46 3.46
CA GLN A 54 -0.05 18.24 3.21
CA GLN A 54 -0.06 18.28 3.22
C GLN A 54 -0.65 17.14 4.06
C GLN A 54 -0.64 17.04 3.92
N ARG A 55 0.17 16.26 4.64
CA ARG A 55 -0.40 15.16 5.41
C ARG A 55 -1.07 15.67 6.68
N ARG A 56 -2.30 15.24 6.89
CA ARG A 56 -3.02 15.56 8.11
C ARG A 56 -3.17 14.33 8.98
N VAL A 57 -3.13 14.56 10.28
CA VAL A 57 -3.43 13.52 11.25
C VAL A 57 -4.92 13.28 11.19
N THR A 58 -5.32 12.10 10.73
CA THR A 58 -6.68 11.86 10.30
C THR A 58 -7.37 10.83 11.16
N PRO A 59 -8.45 11.18 11.84
CA PRO A 59 -9.17 10.20 12.64
C PRO A 59 -9.78 9.14 11.74
N PRO A 60 -9.93 7.91 12.22
CA PRO A 60 -10.35 6.81 11.35
C PRO A 60 -11.77 6.97 10.82
N GLU A 61 -12.63 7.72 11.50
CA GLU A 61 -13.98 7.95 11.01
C GLU A 61 -14.01 8.93 9.84
N GLU A 62 -12.91 9.62 9.58
N GLU A 62 -12.90 9.63 9.59
CA GLU A 62 -12.84 10.62 8.51
CA GLU A 62 -12.79 10.62 8.51
C GLU A 62 -11.91 10.15 7.38
C GLU A 62 -12.15 10.04 7.25
N SER A 63 -11.51 8.89 7.35
CA SER A 63 -10.90 8.28 6.19
C SER A 63 -11.68 7.04 5.75
N ASP A 64 -11.50 6.71 4.48
CA ASP A 64 -12.10 5.51 3.91
C ASP A 64 -11.34 4.25 4.33
N TYR A 65 -11.78 3.12 3.80
CA TYR A 65 -11.29 1.81 4.24
C TYR A 65 -9.92 1.43 3.66
N THR A 66 -9.29 2.28 2.86
CA THR A 66 -7.96 1.98 2.33
C THR A 66 -7.02 1.65 3.50
N HIS A 67 -6.30 0.55 3.39
CA HIS A 67 -5.46 0.12 4.50
C HIS A 67 -4.35 -0.79 4.02
N TYR A 68 -3.37 -1.00 4.91
CA TYR A 68 -2.13 -1.69 4.60
C TYR A 68 -1.92 -2.77 5.66
N ALA A 69 -1.91 -4.02 5.24
CA ALA A 69 -1.76 -5.15 6.16
C ALA A 69 -0.37 -5.76 6.03
N PHE A 70 0.21 -6.08 7.19
CA PHE A 70 1.51 -6.71 7.31
C PHE A 70 1.36 -8.14 7.78
N SER A 71 2.15 -9.02 7.19
CA SER A 71 2.10 -10.43 7.56
C SER A 71 2.79 -10.70 8.87
N ILE A 72 2.21 -11.59 9.66
CA ILE A 72 2.78 -12.07 10.90
C ILE A 72 2.37 -13.52 11.07
N SER A 73 3.20 -14.29 11.75
CA SER A 73 2.91 -15.70 11.90
C SER A 73 1.82 -15.91 12.95
N GLU A 74 1.19 -17.10 12.89
CA GLU A 74 0.20 -17.46 13.89
C GLU A 74 0.80 -17.45 15.29
N ALA A 75 2.07 -17.86 15.41
CA ALA A 75 2.71 -17.93 16.73
C ALA A 75 2.98 -16.55 17.33
N ASP A 76 3.23 -15.54 16.49
CA ASP A 76 3.60 -14.22 16.96
C ASP A 76 2.42 -13.23 17.05
N PHE A 77 1.29 -13.55 16.42
CA PHE A 77 0.22 -12.57 16.20
C PHE A 77 -0.30 -11.96 17.50
N ALA A 78 -0.71 -12.82 18.44
CA ALA A 78 -1.42 -12.32 19.61
C ALA A 78 -0.52 -11.48 20.49
N SER A 79 0.73 -11.89 20.69
N SER A 79 0.72 -11.93 20.71
CA SER A 79 1.60 -11.13 21.59
CA SER A 79 1.63 -11.16 21.55
C SER A 79 1.99 -9.79 20.96
C SER A 79 1.91 -9.78 20.95
N PHE A 80 2.10 -9.74 19.64
CA PHE A 80 2.42 -8.48 18.96
C PHE A 80 1.23 -7.53 19.06
N ALA A 81 0.02 -8.03 18.78
CA ALA A 81 -1.17 -7.22 18.96
C ALA A 81 -1.30 -6.71 20.39
N ALA A 82 -1.06 -7.57 21.37
CA ALA A 82 -1.22 -7.16 22.76
C ALA A 82 -0.17 -6.13 23.14
N ARG A 83 1.03 -6.23 22.58
CA ARG A 83 2.06 -5.24 22.86
C ARG A 83 1.67 -3.88 22.30
N LEU A 84 1.12 -3.85 21.07
CA LEU A 84 0.64 -2.59 20.53
C LEU A 84 -0.46 -2.00 21.39
N GLU A 85 -1.40 -2.84 21.83
CA GLU A 85 -2.46 -2.38 22.73
C GLU A 85 -1.89 -1.79 24.00
N ALA A 86 -0.95 -2.50 24.63
CA ALA A 86 -0.40 -2.01 25.88
C ALA A 86 0.39 -0.73 25.69
N ALA A 87 0.95 -0.52 24.49
CA ALA A 87 1.68 0.70 24.17
C ALA A 87 0.76 1.87 23.83
N GLY A 88 -0.54 1.68 23.85
CA GLY A 88 -1.48 2.75 23.58
C GLY A 88 -1.75 3.04 22.13
N VAL A 89 -1.41 2.13 21.22
CA VAL A 89 -1.64 2.36 19.79
C VAL A 89 -3.14 2.35 19.54
N ALA A 90 -3.62 3.39 18.85
CA ALA A 90 -5.05 3.55 18.57
C ALA A 90 -5.50 2.52 17.56
N VAL A 91 -6.79 2.26 17.57
N VAL A 91 -6.79 2.19 17.60
CA VAL A 91 -7.35 1.23 16.71
CA VAL A 91 -7.37 1.09 16.81
C VAL A 91 -8.39 1.86 15.81
C VAL A 91 -8.61 1.60 16.07
N TRP A 92 -8.86 1.02 14.90
CA TRP A 92 -9.88 1.50 14.00
C TRP A 92 -10.88 0.42 13.66
N LYS A 93 -10.64 -0.84 14.02
CA LYS A 93 -11.66 -1.82 13.68
C LYS A 93 -11.52 -3.02 14.61
N LEU A 94 -12.66 -3.62 14.97
CA LEU A 94 -12.66 -4.70 15.93
C LEU A 94 -13.18 -6.01 15.36
N ASN A 95 -14.09 -5.95 14.40
CA ASN A 95 -14.75 -7.13 13.86
C ASN A 95 -13.83 -7.80 12.84
N ARG A 96 -13.56 -9.10 13.04
CA ARG A 96 -12.67 -9.86 12.16
C ARG A 96 -13.49 -10.36 10.98
N SER A 97 -13.61 -9.52 9.95
CA SER A 97 -14.39 -9.84 8.77
C SER A 97 -13.55 -10.49 7.69
N GLU A 98 -12.24 -10.58 7.87
CA GLU A 98 -11.35 -11.16 6.87
C GLU A 98 -10.28 -12.02 7.55
N GLY A 99 -10.67 -12.74 8.60
CA GLY A 99 -9.79 -13.68 9.27
C GLY A 99 -9.11 -13.06 10.49
N ALA A 100 -7.96 -13.65 10.83
CA ALA A 100 -7.23 -13.25 12.03
C ALA A 100 -6.44 -11.98 11.75
N SER A 101 -6.95 -10.86 12.26
CA SER A 101 -6.41 -9.54 11.98
C SER A 101 -6.53 -8.65 13.21
N HIS A 102 -5.56 -7.73 13.33
CA HIS A 102 -5.58 -6.68 14.34
C HIS A 102 -5.44 -5.35 13.60
N TYR A 103 -6.38 -4.44 13.81
CA TYR A 103 -6.47 -3.19 13.06
C TYR A 103 -6.00 -2.03 13.93
N PHE A 104 -4.97 -1.31 13.48
CA PHE A 104 -4.38 -0.26 14.28
C PHE A 104 -3.96 0.90 13.39
N LEU A 105 -3.72 2.05 14.01
CA LEU A 105 -3.41 3.29 13.33
C LEU A 105 -1.96 3.70 13.56
N ASP A 106 -1.36 4.30 12.54
CA ASP A 106 -0.04 4.94 12.69
C ASP A 106 -0.25 6.36 13.22
N PRO A 107 0.84 7.08 13.49
CA PRO A 107 0.70 8.40 14.12
C PRO A 107 -0.12 9.40 13.32
N ASP A 108 -0.17 9.27 12.00
CA ASP A 108 -0.95 10.15 11.15
C ASP A 108 -2.32 9.60 10.83
N GLY A 109 -2.68 8.46 11.39
CA GLY A 109 -3.94 7.82 11.09
C GLY A 109 -3.94 6.93 9.86
N HIS A 110 -2.78 6.63 9.28
CA HIS A 110 -2.76 5.58 8.27
C HIS A 110 -3.32 4.30 8.87
N LYS A 111 -4.23 3.66 8.14
CA LYS A 111 -4.88 2.45 8.62
C LYS A 111 -4.02 1.23 8.32
N LEU A 112 -3.56 0.59 9.39
CA LEU A 112 -2.68 -0.58 9.34
C LEU A 112 -3.39 -1.80 9.88
N GLU A 113 -2.80 -2.97 9.59
CA GLU A 113 -3.37 -4.23 10.00
C GLU A 113 -2.25 -5.25 10.16
N LEU A 114 -2.36 -6.08 11.20
CA LEU A 114 -1.61 -7.33 11.29
C LEU A 114 -2.53 -8.43 10.80
N HIS A 115 -2.06 -9.28 9.90
CA HIS A 115 -2.90 -10.37 9.41
C HIS A 115 -2.12 -11.67 9.32
N VAL A 116 -2.76 -12.75 9.75
CA VAL A 116 -2.22 -14.10 9.62
C VAL A 116 -2.91 -14.76 8.45
N GLY A 117 -2.14 -15.12 7.43
CA GLY A 117 -2.67 -15.92 6.33
C GLY A 117 -2.47 -15.31 4.96
N SER A 118 -2.38 -16.18 3.95
CA SER A 118 -2.17 -15.79 2.57
C SER A 118 -3.51 -15.58 1.85
N LEU A 119 -3.42 -15.08 0.61
CA LEU A 119 -4.61 -14.98 -0.23
C LEU A 119 -5.22 -16.36 -0.48
N ALA A 120 -4.38 -17.37 -0.75
CA ALA A 120 -4.91 -18.71 -0.96
C ALA A 120 -5.70 -19.17 0.25
N GLN A 121 -5.18 -18.93 1.45
CA GLN A 121 -5.89 -19.35 2.65
C GLN A 121 -7.18 -18.57 2.82
N ARG A 122 -7.18 -17.28 2.46
N ARG A 122 -7.14 -17.27 2.53
CA ARG A 122 -8.40 -16.50 2.59
CA ARG A 122 -8.35 -16.45 2.55
C ARG A 122 -9.46 -16.94 1.58
C ARG A 122 -9.41 -17.05 1.63
N LEU A 123 -9.04 -17.31 0.37
CA LEU A 123 -10.00 -17.83 -0.58
C LEU A 123 -10.61 -19.13 -0.09
N ALA A 124 -9.79 -20.01 0.48
CA ALA A 124 -10.31 -21.27 1.00
C ALA A 124 -11.29 -21.01 2.13
N ALA A 125 -10.96 -20.08 3.02
CA ALA A 125 -11.88 -19.76 4.11
C ALA A 125 -13.18 -19.19 3.56
N CYS A 126 -13.09 -18.35 2.53
CA CYS A 126 -14.29 -17.74 1.96
C CYS A 126 -15.17 -18.74 1.25
N ARG A 127 -14.60 -19.80 0.69
CA ARG A 127 -15.47 -20.82 0.09
C ARG A 127 -16.43 -21.41 1.13
N GLU A 128 -16.00 -21.49 2.39
CA GLU A 128 -16.84 -22.05 3.43
C GLU A 128 -17.77 -21.01 4.04
N GLN A 129 -17.31 -19.77 4.09
CA GLN A 129 -18.04 -18.67 4.72
C GLN A 129 -17.91 -17.50 3.77
N PRO A 130 -18.60 -17.56 2.63
CA PRO A 130 -18.37 -16.55 1.59
C PRO A 130 -18.99 -15.21 1.93
N TYR A 131 -18.42 -14.16 1.36
N TYR A 131 -18.44 -14.16 1.33
CA TYR A 131 -19.05 -12.85 1.39
CA TYR A 131 -19.12 -12.89 1.34
C TYR A 131 -20.26 -12.87 0.42
C TYR A 131 -20.38 -12.99 0.51
N LYS A 132 -21.25 -12.01 0.69
CA LYS A 132 -22.49 -12.03 -0.06
C LYS A 132 -22.26 -11.81 -1.56
N GLY A 133 -22.79 -12.71 -2.39
CA GLY A 133 -22.64 -12.59 -3.83
C GLY A 133 -21.30 -13.08 -4.37
N MET A 134 -20.54 -13.79 -3.56
CA MET A 134 -19.17 -14.09 -3.93
C MET A 134 -19.06 -15.14 -5.02
N VAL A 135 -18.22 -14.84 -6.00
N VAL A 135 -18.22 -14.85 -6.00
CA VAL A 135 -17.89 -15.71 -7.12
CA VAL A 135 -17.91 -15.75 -7.09
C VAL A 135 -16.38 -15.89 -7.14
C VAL A 135 -16.39 -15.91 -7.12
N PHE A 136 -15.95 -17.13 -7.40
CA PHE A 136 -14.55 -17.48 -7.48
C PHE A 136 -14.20 -17.78 -8.93
N PHE A 137 -13.06 -17.26 -9.37
CA PHE A 137 -12.59 -17.47 -10.73
C PHE A 137 -11.44 -18.48 -10.75
N MET B 1 7.03 -10.77 14.87
CA MET B 1 7.88 -10.15 13.83
C MET B 1 7.11 -10.05 12.53
N LEU B 2 7.15 -8.88 11.91
CA LEU B 2 6.44 -8.71 10.65
C LEU B 2 7.32 -9.21 9.51
N SER B 3 6.71 -9.90 8.56
CA SER B 3 7.50 -10.56 7.54
C SER B 3 7.30 -10.00 6.14
N GLY B 4 6.47 -9.00 5.95
CA GLY B 4 6.23 -8.42 4.64
C GLY B 4 4.86 -7.77 4.59
N LEU B 5 4.53 -7.29 3.40
CA LEU B 5 3.18 -6.78 3.15
C LEU B 5 2.26 -7.96 2.90
N ASN B 6 1.21 -8.06 3.69
CA ASN B 6 0.24 -9.12 3.49
C ASN B 6 -0.74 -8.79 2.38
N HIS B 7 -1.35 -7.60 2.43
CA HIS B 7 -2.24 -7.16 1.37
C HIS B 7 -2.37 -5.65 1.41
N LEU B 8 -2.73 -5.10 0.24
CA LEU B 8 -3.07 -3.70 0.06
C LEU B 8 -4.57 -3.65 -0.24
N THR B 9 -5.31 -2.87 0.53
CA THR B 9 -6.74 -2.68 0.29
C THR B 9 -7.01 -1.24 -0.10
N LEU B 10 -7.65 -1.08 -1.26
CA LEU B 10 -8.05 0.22 -1.76
C LEU B 10 -9.57 0.34 -1.65
N ALA B 11 -10.03 1.41 -0.99
CA ALA B 11 -11.44 1.74 -1.00
C ALA B 11 -11.82 2.32 -2.36
N VAL B 12 -12.92 1.85 -2.92
CA VAL B 12 -13.36 2.26 -4.25
C VAL B 12 -14.80 2.72 -4.20
N SER B 13 -15.14 3.69 -5.04
CA SER B 13 -16.49 4.23 -5.04
C SER B 13 -17.44 3.43 -5.91
N GLN B 14 -16.92 2.79 -6.95
CA GLN B 14 -17.74 1.99 -7.89
C GLN B 14 -16.93 0.75 -8.23
N LEU B 15 -17.48 -0.42 -7.90
CA LEU B 15 -16.67 -1.63 -8.04
C LEU B 15 -16.37 -1.99 -9.48
N ALA B 16 -17.36 -1.88 -10.37
CA ALA B 16 -17.14 -2.33 -11.74
C ALA B 16 -16.02 -1.57 -12.44
N PRO B 17 -15.97 -0.23 -12.42
CA PRO B 17 -14.85 0.43 -13.08
C PRO B 17 -13.51 0.14 -12.45
N SER B 18 -13.48 -0.07 -11.14
CA SER B 18 -12.22 -0.37 -10.48
C SER B 18 -11.73 -1.76 -10.88
N VAL B 19 -12.63 -2.74 -10.94
CA VAL B 19 -12.24 -4.06 -11.43
C VAL B 19 -11.73 -3.98 -12.86
N ALA B 20 -12.43 -3.23 -13.71
CA ALA B 20 -11.98 -3.09 -15.09
C ALA B 20 -10.57 -2.49 -15.13
N PHE B 21 -10.30 -1.49 -14.30
CA PHE B 21 -9.00 -0.82 -14.31
C PHE B 21 -7.89 -1.77 -13.88
N TYR B 22 -8.06 -2.44 -12.75
CA TYR B 22 -6.99 -3.27 -12.22
C TYR B 22 -6.84 -4.58 -12.99
N GLN B 23 -7.95 -5.24 -13.35
CA GLN B 23 -7.88 -6.49 -14.10
C GLN B 23 -7.58 -6.27 -15.58
N GLN B 24 -8.43 -5.52 -16.28
CA GLN B 24 -8.30 -5.42 -17.72
C GLN B 24 -7.23 -4.45 -18.16
N LEU B 25 -7.21 -3.23 -17.62
CA LEU B 25 -6.20 -2.27 -18.06
C LEU B 25 -4.83 -2.64 -17.52
N LEU B 26 -4.71 -2.88 -16.22
N LEU B 26 -4.73 -2.89 -16.22
CA LEU B 26 -3.40 -3.13 -15.62
CA LEU B 26 -3.42 -3.13 -15.60
C LEU B 26 -2.97 -4.59 -15.76
C LEU B 26 -3.00 -4.59 -15.61
N GLY B 27 -3.88 -5.51 -16.02
CA GLY B 27 -3.52 -6.91 -16.20
C GLY B 27 -3.39 -7.76 -14.97
N MET B 28 -3.92 -7.32 -13.84
CA MET B 28 -3.89 -8.12 -12.61
C MET B 28 -4.88 -9.29 -12.73
N THR B 29 -4.63 -10.33 -11.95
CA THR B 29 -5.46 -11.51 -11.98
C THR B 29 -6.60 -11.36 -10.98
N LEU B 30 -7.84 -11.54 -11.45
CA LEU B 30 -9.02 -11.47 -10.59
C LEU B 30 -9.30 -12.86 -10.03
N HIS B 31 -9.21 -13.02 -8.72
CA HIS B 31 -9.48 -14.30 -8.08
C HIS B 31 -10.91 -14.46 -7.56
N ALA B 32 -11.52 -13.38 -7.09
CA ALA B 32 -12.88 -13.48 -6.58
C ALA B 32 -13.49 -12.08 -6.57
N ARG B 33 -14.80 -12.04 -6.61
CA ARG B 33 -15.54 -10.80 -6.52
C ARG B 33 -16.83 -11.08 -5.77
N TRP B 34 -17.25 -10.14 -4.96
CA TRP B 34 -18.50 -10.25 -4.21
C TRP B 34 -19.22 -8.91 -4.33
N ASP B 35 -20.39 -8.80 -3.70
CA ASP B 35 -21.19 -7.61 -3.95
C ASP B 35 -20.46 -6.34 -3.55
N SER B 36 -19.56 -6.41 -2.57
CA SER B 36 -18.88 -5.23 -2.07
C SER B 36 -17.36 -5.30 -2.18
N GLY B 37 -16.80 -6.13 -3.04
CA GLY B 37 -15.36 -6.07 -3.20
C GLY B 37 -14.84 -7.10 -4.17
N ALA B 38 -13.50 -7.13 -4.26
CA ALA B 38 -12.81 -8.08 -5.11
C ALA B 38 -11.42 -8.34 -4.58
N TYR B 39 -10.91 -9.53 -4.90
CA TYR B 39 -9.53 -9.91 -4.62
C TYR B 39 -8.80 -10.13 -5.93
N LEU B 40 -7.65 -9.47 -6.09
CA LEU B 40 -6.79 -9.64 -7.25
C LEU B 40 -5.37 -9.92 -6.76
N SER B 41 -4.55 -10.43 -7.67
CA SER B 41 -3.13 -10.55 -7.41
C SER B 41 -2.33 -9.94 -8.55
N CYS B 42 -1.14 -9.49 -8.18
CA CYS B 42 -0.18 -8.92 -9.11
C CYS B 42 1.17 -9.42 -8.64
N GLY B 43 1.70 -10.47 -9.26
CA GLY B 43 2.85 -11.13 -8.65
C GLY B 43 2.51 -11.56 -7.22
N ASP B 44 3.39 -11.23 -6.27
N ASP B 44 3.38 -11.23 -6.26
CA ASP B 44 3.18 -11.57 -4.87
CA ASP B 44 3.14 -11.58 -4.86
C ASP B 44 2.31 -10.55 -4.14
C ASP B 44 2.10 -10.67 -4.20
N LEU B 45 1.75 -9.56 -4.83
CA LEU B 45 0.83 -8.63 -4.20
C LEU B 45 -0.58 -9.19 -4.19
N TRP B 46 -1.18 -9.20 -3.01
CA TRP B 46 -2.60 -9.42 -2.81
C TRP B 46 -3.26 -8.06 -2.70
N LEU B 47 -4.10 -7.74 -3.68
CA LEU B 47 -4.84 -6.49 -3.74
C LEU B 47 -6.31 -6.76 -3.43
N CYS B 48 -6.88 -5.98 -2.52
N CYS B 48 -6.86 -5.99 -2.50
CA CYS B 48 -8.31 -6.03 -2.26
CA CYS B 48 -8.29 -5.99 -2.24
C CYS B 48 -8.92 -4.71 -2.66
C CYS B 48 -8.88 -4.69 -2.75
N LEU B 49 -9.99 -4.76 -3.47
CA LEU B 49 -10.81 -3.60 -3.77
C LEU B 49 -12.04 -3.68 -2.88
N SER B 50 -12.29 -2.65 -2.09
CA SER B 50 -13.39 -2.67 -1.14
C SER B 50 -14.35 -1.53 -1.47
N LEU B 51 -15.58 -1.88 -1.85
CA LEU B 51 -16.59 -0.87 -2.17
C LEU B 51 -16.93 -0.10 -0.89
N ASP B 52 -16.76 1.21 -0.92
CA ASP B 52 -16.88 2.04 0.26
C ASP B 52 -17.59 3.34 -0.11
N PRO B 53 -18.80 3.58 0.37
N PRO B 53 -18.82 3.55 0.36
CA PRO B 53 -19.47 4.85 0.01
CA PRO B 53 -19.47 4.86 0.20
C PRO B 53 -18.75 6.07 0.55
C PRO B 53 -18.71 6.02 0.81
N GLN B 54 -17.85 5.91 1.53
N GLN B 54 -17.70 5.75 1.66
CA GLN B 54 -17.04 7.01 2.02
CA GLN B 54 -16.86 6.83 2.16
C GLN B 54 -15.88 7.35 1.09
C GLN B 54 -15.93 7.36 1.08
N ARG B 55 -15.60 6.55 0.07
CA ARG B 55 -14.55 6.93 -0.86
C ARG B 55 -14.99 8.10 -1.74
N ARG B 56 -14.20 9.16 -1.75
N ARG B 56 -14.22 9.18 -1.71
CA ARG B 56 -14.45 10.32 -2.60
CA ARG B 56 -14.40 10.31 -2.60
C ARG B 56 -13.48 10.29 -3.79
C ARG B 56 -13.49 10.16 -3.82
N VAL B 57 -14.00 10.56 -4.98
CA VAL B 57 -13.16 10.66 -6.17
C VAL B 57 -12.31 11.91 -5.97
N THR B 58 -11.01 11.73 -5.74
CA THR B 58 -10.22 12.77 -5.10
C THR B 58 -9.21 13.33 -6.08
N PRO B 59 -9.30 14.62 -6.42
CA PRO B 59 -8.28 15.21 -7.29
C PRO B 59 -6.91 15.11 -6.66
N PRO B 60 -5.86 15.00 -7.48
CA PRO B 60 -4.52 14.76 -6.90
C PRO B 60 -4.01 15.93 -6.09
N GLU B 61 -4.45 17.15 -6.38
CA GLU B 61 -4.06 18.31 -5.59
C GLU B 61 -4.63 18.24 -4.18
N GLU B 62 -5.66 17.42 -3.97
CA GLU B 62 -6.35 17.34 -2.69
C GLU B 62 -5.99 16.12 -1.87
N SER B 63 -5.05 15.32 -2.32
CA SER B 63 -4.56 14.23 -1.52
C SER B 63 -3.08 14.42 -1.28
N ASP B 64 -2.59 13.78 -0.23
CA ASP B 64 -1.17 13.84 0.08
C ASP B 64 -0.39 12.88 -0.83
N TYR B 65 0.91 12.75 -0.56
CA TYR B 65 1.85 12.04 -1.42
C TYR B 65 1.83 10.53 -1.24
N THR B 66 0.99 10.00 -0.35
CA THR B 66 0.89 8.55 -0.19
C THR B 66 0.60 7.90 -1.54
N HIS B 67 1.36 6.87 -1.89
CA HIS B 67 1.18 6.27 -3.20
C HIS B 67 1.71 4.84 -3.23
N TYR B 68 1.29 4.12 -4.27
CA TYR B 68 1.51 2.69 -4.41
C TYR B 68 2.20 2.45 -5.75
N ALA B 69 3.42 1.91 -5.71
CA ALA B 69 4.20 1.68 -6.90
C ALA B 69 4.26 0.20 -7.24
N PHE B 70 4.02 -0.10 -8.52
CA PHE B 70 4.07 -1.46 -9.06
C PHE B 70 5.36 -1.66 -9.83
N SER B 71 5.93 -2.85 -9.73
CA SER B 71 7.14 -3.16 -10.45
C SER B 71 6.84 -3.53 -11.89
N ILE B 72 7.73 -3.09 -12.77
CA ILE B 72 7.70 -3.43 -14.18
C ILE B 72 9.15 -3.44 -14.66
N SER B 73 9.45 -4.25 -15.68
CA SER B 73 10.80 -4.23 -16.23
C SER B 73 11.03 -2.96 -17.06
N GLU B 74 12.30 -2.57 -17.17
CA GLU B 74 12.64 -1.48 -18.06
C GLU B 74 12.15 -1.74 -19.47
N ALA B 75 12.30 -2.98 -19.95
CA ALA B 75 11.92 -3.28 -21.32
C ALA B 75 10.41 -3.10 -21.55
N ASP B 76 9.59 -3.31 -20.54
CA ASP B 76 8.14 -3.22 -20.71
C ASP B 76 7.58 -1.84 -20.38
N PHE B 77 8.39 -0.98 -19.76
CA PHE B 77 7.89 0.27 -19.18
C PHE B 77 7.22 1.17 -20.21
N ALA B 78 7.89 1.46 -21.32
CA ALA B 78 7.38 2.47 -22.24
C ALA B 78 6.06 2.03 -22.88
N SER B 79 5.92 0.75 -23.23
N SER B 79 5.97 0.76 -23.26
CA SER B 79 4.68 0.33 -23.86
CA SER B 79 4.74 0.24 -23.84
C SER B 79 3.54 0.29 -22.86
C SER B 79 3.59 0.37 -22.84
N PHE B 80 3.84 0.01 -21.58
CA PHE B 80 2.78 0.04 -20.57
C PHE B 80 2.35 1.48 -20.31
N ALA B 81 3.30 2.41 -20.23
CA ALA B 81 2.93 3.81 -20.09
C ALA B 81 2.09 4.26 -21.28
N ALA B 82 2.44 3.82 -22.48
CA ALA B 82 1.68 4.22 -23.66
C ALA B 82 0.27 3.66 -23.62
N ARG B 83 0.10 2.45 -23.08
CA ARG B 83 -1.23 1.86 -22.90
C ARG B 83 -2.07 2.71 -21.97
N LEU B 84 -1.49 3.12 -20.84
CA LEU B 84 -2.21 3.98 -19.91
C LEU B 84 -2.58 5.30 -20.58
N GLU B 85 -1.65 5.88 -21.34
N GLU B 85 -1.67 5.85 -21.37
CA GLU B 85 -1.95 7.13 -22.04
CA GLU B 85 -1.94 7.12 -22.03
C GLU B 85 -3.08 6.94 -23.03
C GLU B 85 -3.04 6.97 -23.08
N ALA B 86 -3.03 5.86 -23.82
CA ALA B 86 -4.11 5.63 -24.79
C ALA B 86 -5.46 5.54 -24.10
N ALA B 87 -5.49 4.92 -22.93
CA ALA B 87 -6.70 4.79 -22.15
C ALA B 87 -7.12 6.08 -21.47
N GLY B 88 -6.34 7.16 -21.60
CA GLY B 88 -6.70 8.44 -21.01
C GLY B 88 -6.46 8.54 -19.52
N VAL B 89 -5.58 7.70 -18.99
CA VAL B 89 -5.31 7.71 -17.57
C VAL B 89 -4.47 8.93 -17.23
N ALA B 90 -4.91 9.69 -16.22
CA ALA B 90 -4.22 10.91 -15.85
C ALA B 90 -2.92 10.67 -15.12
N VAL B 91 -1.96 11.56 -15.36
CA VAL B 91 -0.67 11.59 -14.69
C VAL B 91 -0.70 12.66 -13.61
N TRP B 92 -0.13 12.34 -12.44
CA TRP B 92 -0.13 13.29 -11.33
C TRP B 92 1.23 13.88 -10.99
N LYS B 93 2.31 13.45 -11.64
CA LYS B 93 3.65 13.92 -11.37
C LYS B 93 4.53 13.50 -12.53
N LEU B 94 5.58 14.29 -12.82
CA LEU B 94 6.65 13.87 -13.72
C LEU B 94 7.78 13.23 -12.93
N ASN B 95 8.46 12.26 -13.55
CA ASN B 95 9.62 11.64 -12.91
C ASN B 95 10.83 12.56 -12.87
N ARG B 96 11.43 12.71 -11.67
CA ARG B 96 12.66 13.44 -11.44
C ARG B 96 13.67 12.66 -10.58
N SER B 97 13.42 11.37 -10.31
N SER B 97 13.49 11.36 -10.41
CA SER B 97 14.26 10.54 -9.45
CA SER B 97 14.38 10.61 -9.53
C SER B 97 14.92 9.44 -10.28
C SER B 97 14.79 9.32 -10.22
N GLU B 98 15.75 8.62 -9.63
CA GLU B 98 16.42 7.54 -10.36
C GLU B 98 15.48 6.38 -10.59
N GLY B 99 15.67 5.74 -11.73
CA GLY B 99 14.81 4.67 -12.16
C GLY B 99 13.60 5.22 -12.87
N ALA B 100 13.20 4.57 -13.93
CA ALA B 100 12.01 5.00 -14.63
C ALA B 100 10.79 4.93 -13.71
N SER B 101 9.95 5.96 -13.79
CA SER B 101 8.71 6.01 -13.03
C SER B 101 7.65 6.72 -13.86
N HIS B 102 6.43 6.18 -13.82
CA HIS B 102 5.24 6.77 -14.44
C HIS B 102 4.20 6.92 -13.34
N TYR B 103 3.75 8.15 -13.08
CA TYR B 103 2.87 8.45 -11.95
C TYR B 103 1.45 8.68 -12.45
N PHE B 104 0.55 7.77 -12.12
CA PHE B 104 -0.78 7.77 -12.70
C PHE B 104 -1.84 7.57 -11.65
N LEU B 105 -3.07 7.96 -11.98
CA LEU B 105 -4.20 7.91 -11.05
C LEU B 105 -5.18 6.81 -11.39
N ASP B 106 -5.72 6.17 -10.36
CA ASP B 106 -6.82 5.22 -10.54
C ASP B 106 -8.14 5.98 -10.62
N PRO B 107 -9.23 5.26 -10.90
CA PRO B 107 -10.51 5.94 -11.11
C PRO B 107 -10.99 6.79 -9.94
N ASP B 108 -10.57 6.46 -8.72
CA ASP B 108 -10.94 7.22 -7.54
C ASP B 108 -9.88 8.21 -7.10
N GLY B 109 -8.82 8.35 -7.89
CA GLY B 109 -7.72 9.21 -7.53
C GLY B 109 -6.67 8.61 -6.66
N HIS B 110 -6.68 7.29 -6.43
CA HIS B 110 -5.54 6.68 -5.74
C HIS B 110 -4.29 6.95 -6.57
N LYS B 111 -3.23 7.37 -5.88
CA LYS B 111 -1.97 7.68 -6.54
C LYS B 111 -1.15 6.42 -6.74
N LEU B 112 -0.90 6.09 -8.00
CA LEU B 112 -0.16 4.90 -8.41
C LEU B 112 1.11 5.30 -9.14
N GLU B 113 2.00 4.33 -9.28
CA GLU B 113 3.27 4.53 -9.95
C GLU B 113 3.66 3.21 -10.60
N LEU B 114 4.24 3.30 -11.79
CA LEU B 114 5.06 2.23 -12.34
C LEU B 114 6.51 2.58 -12.03
N HIS B 115 7.28 1.67 -11.43
CA HIS B 115 8.68 1.96 -11.17
C HIS B 115 9.56 0.79 -11.57
N VAL B 116 10.73 1.13 -12.13
CA VAL B 116 11.78 0.19 -12.44
C VAL B 116 12.92 0.42 -11.46
N GLY B 117 13.21 -0.59 -10.65
CA GLY B 117 14.33 -0.51 -9.73
C GLY B 117 13.98 -0.89 -8.32
N SER B 118 14.96 -1.45 -7.63
CA SER B 118 14.80 -1.96 -6.27
C SER B 118 15.26 -0.95 -5.22
N LEU B 119 14.98 -1.28 -3.96
CA LEU B 119 15.54 -0.52 -2.84
C LEU B 119 17.07 -0.54 -2.90
N ALA B 120 17.66 -1.70 -3.17
CA ALA B 120 19.11 -1.76 -3.24
C ALA B 120 19.65 -0.79 -4.30
N GLN B 121 18.99 -0.72 -5.46
CA GLN B 121 19.43 0.20 -6.50
C GLN B 121 19.32 1.64 -6.03
N ARG B 122 18.21 1.99 -5.38
CA ARG B 122 18.02 3.33 -4.88
C ARG B 122 19.08 3.68 -3.84
N LEU B 123 19.35 2.74 -2.93
CA LEU B 123 20.35 3.01 -1.89
C LEU B 123 21.72 3.21 -2.50
N ALA B 124 22.06 2.43 -3.54
CA ALA B 124 23.36 2.59 -4.16
C ALA B 124 23.48 3.97 -4.80
N ALA B 125 22.41 4.43 -5.46
CA ALA B 125 22.45 5.76 -6.06
C ALA B 125 22.55 6.83 -4.98
N CYS B 126 21.84 6.65 -3.87
CA CYS B 126 21.88 7.62 -2.79
C CYS B 126 23.24 7.67 -2.11
N ARG B 127 23.92 6.53 -1.99
N ARG B 127 23.92 6.54 -1.99
CA ARG B 127 25.25 6.55 -1.39
CA ARG B 127 25.25 6.55 -1.40
C ARG B 127 26.21 7.41 -2.21
C ARG B 127 26.18 7.45 -2.21
N GLU B 128 26.06 7.40 -3.54
CA GLU B 128 26.88 8.23 -4.42
C GLU B 128 26.47 9.70 -4.38
N GLN B 129 25.18 9.98 -4.20
CA GLN B 129 24.65 11.35 -4.25
C GLN B 129 23.59 11.49 -3.16
N PRO B 130 24.01 11.63 -1.91
CA PRO B 130 23.04 11.58 -0.80
C PRO B 130 22.10 12.78 -0.79
N TYR B 131 20.84 12.52 -0.41
CA TYR B 131 19.91 13.60 -0.17
C TYR B 131 20.39 14.45 0.99
N LYS B 132 19.85 15.66 1.09
CA LYS B 132 20.22 16.57 2.17
C LYS B 132 19.90 15.94 3.51
N GLY B 133 20.91 15.84 4.36
CA GLY B 133 20.75 15.25 5.68
C GLY B 133 20.77 13.75 5.73
N MET B 134 21.20 13.08 4.66
CA MET B 134 21.07 11.64 4.59
C MET B 134 22.09 10.94 5.48
N VAL B 135 21.59 9.96 6.23
N VAL B 135 21.62 9.97 6.25
CA VAL B 135 22.35 9.05 7.06
CA VAL B 135 22.50 9.07 6.96
C VAL B 135 21.95 7.64 6.66
C VAL B 135 22.00 7.65 6.76
N PHE B 136 22.93 6.73 6.66
CA PHE B 136 22.70 5.32 6.36
C PHE B 136 22.89 4.50 7.62
N PHE B 137 22.19 3.36 7.67
CA PHE B 137 22.26 2.45 8.82
C PHE B 137 22.61 1.05 8.37
#